data_6C6F
#
_entry.id   6C6F
#
_cell.length_a   41.627
_cell.length_b   98.476
_cell.length_c   55.431
_cell.angle_alpha   90.000
_cell.angle_beta   106.210
_cell.angle_gamma   90.000
#
_symmetry.space_group_name_H-M   'P 1 21 1'
#
loop_
_entity.id
_entity.type
_entity.pdbx_description
1 polymer 'Antigen-presenting glycoprotein CD1d1'
2 polymer Beta-2-microglobulin
3 branched alpha-D-mannopyranose-(1-3)-[alpha-D-mannopyranose-(1-6)]beta-D-mannopyranose-(1-4)-2-acetamido-2-deoxy-beta-D-glucopyranose-(1-4)-[alpha-L-fucopyranose-(1-6)]2-acetamido-2-deoxy-beta-D-glucopyranose
4 non-polymer 2-acetamido-2-deoxy-beta-D-glucopyranose
5 non-polymer 'N-[(2S,3S,4R)-3,4-dihydroxy-8-oxo-8-[(4-pentylphenyl)amino]-1-{[(2S,3R,4S,5R,6R)-3,4,5-trihydroxy-6-(hydroxymethyl)tetr ahydro-2H-pyran-2-yl]oxy}octan-2-yl]hexacosanamide'
6 non-polymer 'SODIUM ION'
7 water water
#
loop_
_entity_poly.entity_id
_entity_poly.type
_entity_poly.pdbx_seq_one_letter_code
_entity_poly.pdbx_strand_id
1 'polypeptide(L)'
;SEAQQKNYTFRCLQMSSFANRSWSRTDSVVWLGDLQTHRWSNDSATISFTKPWSQGKLSNQQWEKLQHMFQVYRVSFTRD
IQELVKMMSPKEDYPIEIQLSAGCEMYPGNASESFLHVAFQGKYVVRFWGTSWQTVPGAPSWLDLPIKVLNADQGTSATV
QMLLNDTCPLFVRGLLEAGKSDLEKQEKPVAWLSSVPSSAHGHRQLVCHVSGFYPKPVWVMWMRGDQEQQGTHRGDFLPN
ADETWYLQATLDVEAGEEAGLACRVKHSSLGGQDIILYWHHHHHH
;
A
2 'polypeptide(L)'
;IQKTPQIQVYSRHPPENGKPNILNCYVTQFHPPHIEIQMLKNGKKIPKVEMSDMSFSKDWSFYILAHTEFTPTETDTYAC
RVKHASMAEPKTVYWDRDM
;
B
#
# COMPACT_ATOMS: atom_id res chain seq x y z
N ASN A 7 18.38 3.43 -3.95
CA ASN A 7 17.39 4.49 -3.57
C ASN A 7 16.29 3.93 -2.66
N TYR A 8 16.08 4.58 -1.52
CA TYR A 8 14.98 4.26 -0.62
C TYR A 8 14.11 5.49 -0.46
N THR A 9 12.80 5.31 -0.59
CA THR A 9 11.82 6.37 -0.37
C THR A 9 11.09 6.11 0.94
N PHE A 10 11.14 7.11 1.79
CA PHE A 10 10.47 7.10 3.08
C PHE A 10 9.21 7.91 2.92
N ARG A 11 8.06 7.30 3.21
CA ARG A 11 6.76 7.95 3.04
C ARG A 11 5.94 7.85 4.29
N CYS A 12 5.52 9.00 4.82
CA CYS A 12 4.54 9.07 5.89
C CYS A 12 3.21 9.44 5.26
N LEU A 13 2.22 8.56 5.43
CA LEU A 13 0.92 8.69 4.75
C LEU A 13 -0.17 8.91 5.79
N GLN A 14 -0.84 10.04 5.71
CA GLN A 14 -1.91 10.39 6.64
C GLN A 14 -3.21 10.39 5.87
N MET A 15 -4.24 9.76 6.44
CA MET A 15 -5.54 9.80 5.83
C MET A 15 -6.54 10.25 6.90
N SER A 16 -7.23 11.36 6.60
CA SER A 16 -8.17 11.96 7.53
C SER A 16 -9.53 12.01 6.86
N SER A 17 -10.54 11.46 7.55
CA SER A 17 -11.91 11.45 7.07
C SER A 17 -12.74 12.30 8.02
N PHE A 18 -13.47 13.27 7.48
CA PHE A 18 -14.39 14.11 8.26
C PHE A 18 -15.78 13.84 7.70
N ALA A 19 -16.64 13.20 8.50
CA ALA A 19 -17.97 12.76 8.04
C ALA A 19 -19.04 13.83 8.23
N ASN A 20 -18.99 14.50 9.38
CA ASN A 20 -19.89 15.59 9.75
C ASN A 20 -19.18 16.39 10.86
N ARG A 21 -19.83 17.42 11.43
CA ARG A 21 -19.19 18.23 12.48
C ARG A 21 -18.81 17.49 13.77
N SER A 22 -19.39 16.31 14.00
CA SER A 22 -19.15 15.54 15.22
C SER A 22 -18.25 14.32 15.05
N TRP A 23 -17.90 13.96 13.80
CA TRP A 23 -17.19 12.71 13.52
C TRP A 23 -16.01 12.94 12.59
N SER A 24 -14.83 12.57 13.04
CA SER A 24 -13.66 12.52 12.17
C SER A 24 -12.61 11.59 12.74
N ARG A 25 -11.73 11.11 11.88
CA ARG A 25 -10.58 10.33 12.35
C ARG A 25 -9.40 10.54 11.42
N THR A 26 -8.21 10.38 11.98
CA THR A 26 -6.95 10.51 11.25
C THR A 26 -6.12 9.26 11.57
N ASP A 27 -5.68 8.57 10.52
CA ASP A 27 -4.88 7.38 10.65
C ASP A 27 -3.68 7.53 9.73
N SER A 28 -2.52 7.07 10.20
CA SER A 28 -1.30 7.14 9.43
C SER A 28 -0.56 5.82 9.37
N VAL A 29 0.22 5.69 8.30
CA VAL A 29 1.13 4.59 8.12
C VAL A 29 2.42 5.16 7.58
N VAL A 30 3.53 4.48 7.86
CA VAL A 30 4.84 4.93 7.37
C VAL A 30 5.52 3.75 6.72
N TRP A 31 6.11 4.01 5.56
CA TRP A 31 6.78 3.00 4.74
C TRP A 31 8.21 3.41 4.52
N LEU A 32 9.15 2.46 4.66
CA LEU A 32 10.50 2.66 4.13
C LEU A 32 10.68 1.72 2.94
N GLY A 33 10.71 2.28 1.74
CA GLY A 33 10.50 1.49 0.52
C GLY A 33 9.16 0.75 0.59
N ASP A 34 9.21 -0.57 0.44
CA ASP A 34 8.00 -1.41 0.52
C ASP A 34 7.76 -2.07 1.90
N LEU A 35 8.46 -1.63 2.96
CA LEU A 35 8.27 -2.18 4.30
C LEU A 35 7.64 -1.16 5.21
N GLN A 36 6.58 -1.58 5.89
CA GLN A 36 5.89 -0.71 6.81
C GLN A 36 6.70 -0.61 8.10
N THR A 37 7.00 0.61 8.55
CA THR A 37 7.78 0.84 9.80
C THR A 37 6.94 1.37 10.98
N HIS A 38 5.85 2.07 10.69
CA HIS A 38 4.98 2.60 11.73
C HIS A 38 3.54 2.55 11.34
N ARG A 39 2.69 2.58 12.36
CA ARG A 39 1.26 2.85 12.19
C ARG A 39 0.86 3.79 13.30
N TRP A 40 -0.10 4.67 13.01
CA TRP A 40 -0.64 5.56 14.04
C TRP A 40 -2.14 5.65 13.87
N SER A 41 -2.82 4.82 14.66
CA SER A 41 -4.24 4.77 14.65
C SER A 41 -4.81 6.00 15.31
N ASN A 42 -5.98 6.39 14.87
CA ASN A 42 -6.74 7.46 15.52
C ASN A 42 -6.94 7.18 17.02
N ASP A 43 -7.18 5.92 17.34
CA ASP A 43 -7.49 5.51 18.72
C ASP A 43 -6.28 5.48 19.66
N SER A 44 -5.07 5.57 19.11
CA SER A 44 -3.82 5.54 19.89
C SER A 44 -3.24 6.94 20.11
N ALA A 45 -2.82 7.22 21.34
CA ALA A 45 -2.15 8.49 21.64
C ALA A 45 -0.73 8.53 21.09
N THR A 46 -0.12 7.36 20.94
CA THR A 46 1.28 7.22 20.55
C THR A 46 1.42 6.48 19.22
N ILE A 47 2.54 6.74 18.56
CA ILE A 47 2.88 6.10 17.29
C ILE A 47 3.40 4.69 17.54
N SER A 48 2.84 3.73 16.82
CA SER A 48 3.17 2.31 17.01
C SER A 48 4.28 1.86 16.07
N PHE A 49 5.21 1.09 16.61
CA PHE A 49 6.28 0.51 15.82
C PHE A 49 5.77 -0.78 15.20
N THR A 50 6.10 -0.99 13.93
CA THR A 50 5.83 -2.26 13.24
C THR A 50 7.11 -3.03 12.93
N LYS A 51 8.26 -2.52 13.36
CA LYS A 51 9.54 -3.22 13.28
C LYS A 51 10.24 -3.04 14.62
N PRO A 52 11.13 -3.99 15.00
CA PRO A 52 11.93 -3.74 16.20
C PRO A 52 12.90 -2.53 16.08
N TRP A 53 13.19 -2.11 14.85
CA TRP A 53 14.09 -0.99 14.54
C TRP A 53 13.38 0.33 14.15
N SER A 54 12.07 0.45 14.43
CA SER A 54 11.26 1.62 14.00
C SER A 54 11.63 2.93 14.70
N GLN A 55 12.31 2.85 15.85
CA GLN A 55 12.83 4.07 16.50
C GLN A 55 14.12 4.57 15.83
N GLY A 56 14.69 3.81 14.90
CA GLY A 56 15.92 4.16 14.21
C GLY A 56 17.10 4.24 15.17
N LYS A 57 17.91 5.29 15.02
CA LYS A 57 19.01 5.60 15.96
C LYS A 57 18.67 6.71 16.97
N LEU A 58 17.37 6.99 17.17
CA LEU A 58 16.95 8.01 18.14
C LEU A 58 16.83 7.43 19.53
N SER A 59 17.30 8.18 20.53
CA SER A 59 17.09 7.83 21.93
C SER A 59 15.62 7.93 22.29
N ASN A 60 15.26 7.29 23.40
CA ASN A 60 13.88 7.35 23.89
C ASN A 60 13.41 8.78 24.10
N GLN A 61 14.32 9.63 24.58
CA GLN A 61 14.09 11.07 24.75
C GLN A 61 13.79 11.80 23.42
N GLN A 62 14.69 11.63 22.45
CA GLN A 62 14.55 12.20 21.09
C GLN A 62 13.23 11.75 20.44
N TRP A 63 12.90 10.48 20.60
CA TRP A 63 11.68 9.93 20.00
C TRP A 63 10.45 10.54 20.64
N GLU A 64 10.41 10.66 21.97
CA GLU A 64 9.25 11.26 22.66
C GLU A 64 9.01 12.70 22.20
N LYS A 65 10.09 13.45 21.95
CA LYS A 65 9.98 14.85 21.50
C LYS A 65 9.41 14.95 20.09
N LEU A 66 9.96 14.13 19.18
CA LEU A 66 9.47 14.03 17.80
C LEU A 66 8.00 13.58 17.79
N GLN A 67 7.70 12.54 18.55
CA GLN A 67 6.32 12.10 18.74
C GLN A 67 5.41 13.21 19.30
N HIS A 68 5.93 13.98 20.27
CA HIS A 68 5.15 15.09 20.80
C HIS A 68 4.78 16.11 19.73
N MET A 69 5.74 16.44 18.87
N MET A 69 5.75 16.44 18.88
CA MET A 69 5.50 17.36 17.77
CA MET A 69 5.55 17.33 17.74
C MET A 69 4.38 16.86 16.84
C MET A 69 4.39 16.85 16.85
N PHE A 70 4.34 15.55 16.59
CA PHE A 70 3.24 14.95 15.82
C PHE A 70 1.93 14.90 16.58
N GLN A 71 1.97 14.66 17.90
CA GLN A 71 0.74 14.71 18.72
C GLN A 71 0.08 16.07 18.70
N VAL A 72 0.88 17.13 18.86
CA VAL A 72 0.39 18.51 18.77
C VAL A 72 -0.17 18.75 17.35
N TYR A 73 0.59 18.32 16.35
CA TYR A 73 0.15 18.47 14.95
C TYR A 73 -1.22 17.82 14.68
N ARG A 74 -1.41 16.57 15.13
CA ARG A 74 -2.65 15.86 14.82
C ARG A 74 -3.89 16.56 15.38
N VAL A 75 -3.79 17.04 16.63
CA VAL A 75 -4.88 17.79 17.25
C VAL A 75 -5.08 19.13 16.54
N SER A 76 -3.98 19.82 16.23
CA SER A 76 -4.05 21.15 15.58
C SER A 76 -4.65 21.06 14.18
N PHE A 77 -4.19 20.09 13.40
CA PHE A 77 -4.74 19.83 12.09
C PHE A 77 -6.25 19.58 12.13
N THR A 78 -6.68 18.69 13.02
CA THR A 78 -8.10 18.34 13.09
C THR A 78 -8.97 19.58 13.41
N ARG A 79 -8.50 20.39 14.35
CA ARG A 79 -9.21 21.62 14.70
C ARG A 79 -9.21 22.62 13.53
N ASP A 80 -8.06 22.78 12.87
CA ASP A 80 -7.95 23.72 11.73
C ASP A 80 -8.94 23.38 10.61
N ILE A 81 -9.03 22.10 10.23
CA ILE A 81 -9.96 21.65 9.19
C ILE A 81 -11.42 21.88 9.62
N GLN A 82 -11.75 21.52 10.86
CA GLN A 82 -13.09 21.74 11.40
C GLN A 82 -13.47 23.23 11.39
N GLU A 83 -12.54 24.08 11.83
CA GLU A 83 -12.76 25.54 11.79
C GLU A 83 -12.95 26.06 10.37
N LEU A 84 -12.14 25.54 9.45
CA LEU A 84 -12.24 25.90 8.05
C LEU A 84 -13.59 25.55 7.43
N VAL A 85 -14.10 24.35 7.72
CA VAL A 85 -15.41 23.94 7.19
C VAL A 85 -16.56 24.81 7.75
N LYS A 86 -16.48 25.16 9.03
CA LYS A 86 -17.47 26.06 9.64
C LYS A 86 -17.47 27.42 8.96
N MET A 87 -16.28 27.94 8.69
CA MET A 87 -16.14 29.24 8.03
C MET A 87 -16.64 29.23 6.59
N MET A 88 -16.40 28.14 5.87
CA MET A 88 -16.80 27.99 4.46
C MET A 88 -18.26 27.56 4.24
N SER A 89 -18.92 27.05 5.28
CA SER A 89 -20.26 26.46 5.13
C SER A 89 -21.27 27.52 4.67
N PRO A 90 -22.20 27.18 3.77
CA PRO A 90 -22.42 25.82 3.26
C PRO A 90 -21.63 25.45 2.00
N LYS A 91 -20.80 26.38 1.49
CA LYS A 91 -20.18 26.24 0.16
C LYS A 91 -19.29 25.00 0.09
N GLU A 92 -18.42 24.86 1.08
CA GLU A 92 -17.63 23.64 1.28
C GLU A 92 -18.17 22.96 2.52
N ASP A 93 -18.50 21.68 2.39
CA ASP A 93 -19.16 20.95 3.47
C ASP A 93 -18.86 19.45 3.45
N TYR A 94 -19.17 18.81 4.57
CA TYR A 94 -18.91 17.37 4.78
C TYR A 94 -19.68 16.49 3.77
N PRO A 95 -19.20 15.28 3.44
CA PRO A 95 -17.99 14.64 3.98
C PRO A 95 -16.72 15.03 3.22
N ILE A 96 -15.58 14.94 3.92
CA ILE A 96 -14.31 15.44 3.43
C ILE A 96 -13.22 14.37 3.68
N GLU A 97 -12.41 14.12 2.66
CA GLU A 97 -11.23 13.26 2.81
C GLU A 97 -10.00 14.11 2.52
N ILE A 98 -9.04 14.09 3.44
CA ILE A 98 -7.76 14.76 3.24
C ILE A 98 -6.65 13.72 3.39
N GLN A 99 -5.71 13.73 2.45
CA GLN A 99 -4.58 12.82 2.47
C GLN A 99 -3.32 13.62 2.42
N LEU A 100 -2.31 13.17 3.16
CA LEU A 100 -1.01 13.80 3.15
C LEU A 100 0.04 12.73 2.90
N SER A 101 1.02 13.06 2.05
CA SER A 101 2.13 12.17 1.74
C SER A 101 3.38 13.00 1.93
N ALA A 102 4.20 12.63 2.90
CA ALA A 102 5.38 13.41 3.24
C ALA A 102 6.56 12.49 3.54
N GLY A 103 7.76 12.95 3.22
CA GLY A 103 8.94 12.15 3.48
C GLY A 103 10.11 12.57 2.65
N CYS A 104 11.00 11.61 2.37
CA CYS A 104 12.17 11.90 1.57
C CYS A 104 12.65 10.66 0.82
N GLU A 105 13.35 10.92 -0.30
CA GLU A 105 13.95 9.89 -1.13
C GLU A 105 15.46 10.04 -0.99
N MET A 106 16.11 8.95 -0.59
CA MET A 106 17.55 8.96 -0.25
C MET A 106 18.39 8.50 -1.45
N TYR A 107 19.54 9.14 -1.63
CA TYR A 107 20.48 8.80 -2.72
C TYR A 107 21.88 8.57 -2.15
N SER A 112 19.68 13.67 -0.54
CA SER A 112 18.24 13.40 -0.49
C SER A 112 17.39 14.56 -1.02
N GLU A 113 16.14 14.25 -1.36
CA GLU A 113 15.12 15.27 -1.62
C GLU A 113 13.87 14.91 -0.83
N SER A 114 13.18 15.92 -0.31
CA SER A 114 11.98 15.72 0.50
C SER A 114 10.76 16.28 -0.18
N PHE A 115 9.61 15.89 0.36
CA PHE A 115 8.34 16.27 -0.23
C PHE A 115 7.25 16.27 0.83
N LEU A 116 6.21 17.05 0.56
CA LEU A 116 5.02 17.11 1.39
C LEU A 116 3.87 17.52 0.45
N HIS A 117 3.05 16.54 0.09
CA HIS A 117 1.91 16.73 -0.79
C HIS A 117 0.61 16.48 -0.06
N VAL A 118 -0.41 17.26 -0.39
CA VAL A 118 -1.72 17.18 0.25
C VAL A 118 -2.78 17.03 -0.85
N ALA A 119 -3.72 16.10 -0.64
CA ALA A 119 -4.85 15.87 -1.55
C ALA A 119 -6.16 16.12 -0.80
N PHE A 120 -7.14 16.66 -1.50
CA PHE A 120 -8.48 16.97 -1.00
C PHE A 120 -9.47 16.22 -1.90
N GLN A 121 -10.35 15.43 -1.32
CA GLN A 121 -11.28 14.57 -2.07
C GLN A 121 -10.60 13.76 -3.19
N GLY A 122 -9.40 13.27 -2.91
CA GLY A 122 -8.71 12.34 -3.79
C GLY A 122 -7.86 13.02 -4.84
N LYS A 123 -7.77 14.35 -4.80
CA LYS A 123 -7.01 15.10 -5.80
C LYS A 123 -5.92 15.97 -5.18
N TYR A 124 -4.70 15.89 -5.71
CA TYR A 124 -3.56 16.69 -5.28
C TYR A 124 -3.86 18.18 -5.39
N VAL A 125 -3.76 18.92 -4.28
CA VAL A 125 -4.09 20.36 -4.24
C VAL A 125 -3.06 21.30 -3.67
N VAL A 126 -2.21 20.82 -2.75
CA VAL A 126 -1.31 21.66 -1.98
C VAL A 126 0.01 20.90 -1.76
N ARG A 127 1.12 21.64 -1.82
CA ARG A 127 2.41 21.12 -1.37
C ARG A 127 3.12 22.14 -0.50
N PHE A 128 4.10 21.67 0.27
CA PHE A 128 5.08 22.54 0.88
C PHE A 128 6.32 22.53 0.00
N TRP A 129 6.84 23.70 -0.33
CA TRP A 129 7.96 23.78 -1.25
C TRP A 129 8.78 25.00 -0.92
N GLY A 130 10.08 24.81 -0.68
CA GLY A 130 10.97 25.90 -0.34
C GLY A 130 10.74 26.33 1.11
N THR A 131 10.13 27.52 1.26
CA THR A 131 9.82 28.08 2.55
C THR A 131 8.32 28.29 2.80
N SER A 132 7.46 27.82 1.90
CA SER A 132 6.02 28.04 2.04
C SER A 132 5.15 26.93 1.48
N TRP A 133 3.91 26.95 1.93
CA TRP A 133 2.83 26.17 1.38
C TRP A 133 2.35 26.83 0.10
N GLN A 134 1.94 26.02 -0.86
CA GLN A 134 1.39 26.54 -2.11
C GLN A 134 0.30 25.65 -2.64
N THR A 135 -0.68 26.27 -3.32
CA THR A 135 -1.68 25.51 -4.03
C THR A 135 -1.04 25.14 -5.35
N VAL A 136 -1.43 23.99 -5.90
CA VAL A 136 -0.90 23.59 -7.19
C VAL A 136 -1.81 24.16 -8.28
N PRO A 137 -1.28 24.32 -9.50
CA PRO A 137 -2.17 24.82 -10.56
C PRO A 137 -3.38 23.91 -10.75
N GLY A 138 -4.56 24.51 -10.89
CA GLY A 138 -5.79 23.73 -11.01
C GLY A 138 -6.51 23.49 -9.69
N ALA A 139 -5.89 23.80 -8.55
CA ALA A 139 -6.54 23.60 -7.25
C ALA A 139 -7.70 24.60 -7.08
N PRO A 140 -8.75 24.22 -6.33
CA PRO A 140 -9.89 25.13 -6.15
C PRO A 140 -9.48 26.48 -5.55
N SER A 141 -10.00 27.56 -6.11
CA SER A 141 -9.52 28.88 -5.68
C SER A 141 -9.87 29.23 -4.22
N TRP A 142 -10.86 28.57 -3.62
CA TRP A 142 -11.18 28.79 -2.21
C TRP A 142 -10.05 28.41 -1.26
N LEU A 143 -9.11 27.59 -1.72
CA LEU A 143 -7.92 27.24 -0.91
C LEU A 143 -6.89 28.35 -0.78
N ASP A 144 -6.93 29.36 -1.66
CA ASP A 144 -5.86 30.35 -1.70
C ASP A 144 -5.77 31.16 -0.39
N LEU A 145 -6.92 31.59 0.12
CA LEU A 145 -6.96 32.37 1.35
C LEU A 145 -6.47 31.59 2.59
N PRO A 146 -7.01 30.38 2.85
CA PRO A 146 -6.46 29.57 3.97
C PRO A 146 -4.96 29.25 3.87
N ILE A 147 -4.47 29.02 2.67
CA ILE A 147 -3.03 28.80 2.48
C ILE A 147 -2.26 30.08 2.79
N LYS A 148 -2.74 31.22 2.29
CA LYS A 148 -2.12 32.51 2.63
C LYS A 148 -2.04 32.71 4.15
N VAL A 149 -3.11 32.36 4.86
CA VAL A 149 -3.15 32.48 6.31
C VAL A 149 -2.17 31.51 6.96
N LEU A 150 -2.17 30.27 6.52
CA LEU A 150 -1.19 29.30 7.02
C LEU A 150 0.26 29.78 6.83
N ASN A 151 0.54 30.41 5.69
CA ASN A 151 1.87 30.91 5.37
C ASN A 151 2.35 32.06 6.27
N ALA A 152 1.42 32.73 6.94
CA ALA A 152 1.75 33.77 7.90
C ALA A 152 2.27 33.19 9.21
N ASP A 153 2.02 31.90 9.47
CA ASP A 153 2.52 31.20 10.64
C ASP A 153 4.00 30.84 10.42
N GLN A 154 4.88 31.76 10.77
CA GLN A 154 6.32 31.57 10.60
C GLN A 154 6.85 30.36 11.34
N GLY A 155 6.36 30.13 12.56
CA GLY A 155 6.83 29.06 13.40
C GLY A 155 6.50 27.70 12.81
N THR A 156 5.30 27.59 12.23
CA THR A 156 4.94 26.34 11.54
C THR A 156 5.83 26.13 10.33
N SER A 157 6.05 27.18 9.54
CA SER A 157 6.93 27.12 8.36
CA SER A 157 6.91 27.07 8.36
C SER A 157 8.34 26.67 8.75
N ALA A 158 8.86 27.25 9.83
CA ALA A 158 10.20 26.88 10.29
C ALA A 158 10.25 25.40 10.71
N THR A 159 9.21 24.95 11.43
CA THR A 159 9.14 23.55 11.87
C THR A 159 9.07 22.60 10.67
N VAL A 160 8.22 22.92 9.70
CA VAL A 160 8.10 22.08 8.51
C VAL A 160 9.40 22.04 7.70
N GLN A 161 10.06 23.20 7.54
CA GLN A 161 11.34 23.24 6.82
C GLN A 161 12.37 22.36 7.50
N MET A 162 12.42 22.41 8.84
CA MET A 162 13.33 21.57 9.64
C MET A 162 13.00 20.08 9.43
N LEU A 163 11.72 19.75 9.57
CA LEU A 163 11.29 18.35 9.40
C LEU A 163 11.66 17.77 8.04
N LEU A 164 11.39 18.51 6.97
CA LEU A 164 11.69 18.06 5.61
C LEU A 164 13.18 18.10 5.26
N ASN A 165 13.85 19.19 5.58
CA ASN A 165 15.22 19.39 5.11
C ASN A 165 16.22 18.61 5.96
N ASP A 166 15.92 18.43 7.24
CA ASP A 166 16.89 17.93 8.23
C ASP A 166 16.43 16.68 8.97
N THR A 167 15.32 16.77 9.67
CA THR A 167 14.85 15.65 10.51
C THR A 167 14.62 14.36 9.72
N CYS A 168 13.98 14.49 8.56
CA CYS A 168 13.62 13.33 7.75
C CYS A 168 14.84 12.55 7.27
N PRO A 169 15.77 13.19 6.51
CA PRO A 169 16.94 12.41 6.09
C PRO A 169 17.79 11.86 7.23
N LEU A 170 17.91 12.59 8.34
CA LEU A 170 18.64 12.09 9.53
C LEU A 170 17.98 10.85 10.14
N PHE A 171 16.67 10.91 10.31
CA PHE A 171 15.92 9.80 10.88
C PHE A 171 16.02 8.58 10.00
N VAL A 172 15.93 8.79 8.68
CA VAL A 172 15.95 7.69 7.71
C VAL A 172 17.33 7.03 7.62
N ARG A 173 18.40 7.82 7.68
CA ARG A 173 19.75 7.23 7.73
C ARG A 173 19.90 6.26 8.92
N GLY A 174 19.32 6.62 10.07
CA GLY A 174 19.28 5.75 11.24
C GLY A 174 18.44 4.50 11.07
N LEU A 175 17.29 4.63 10.40
CA LEU A 175 16.47 3.45 10.05
C LEU A 175 17.21 2.47 9.14
N LEU A 176 17.92 2.99 8.15
CA LEU A 176 18.66 2.18 7.19
C LEU A 176 19.76 1.36 7.88
N GLU A 177 20.45 1.96 8.86
CA GLU A 177 21.44 1.20 9.66
C GLU A 177 20.79 0.27 10.70
N ALA A 178 19.78 0.75 11.43
CA ALA A 178 19.09 -0.08 12.41
C ALA A 178 18.32 -1.25 11.79
N GLY A 179 17.79 -1.05 10.60
CA GLY A 179 16.95 -2.07 9.91
C GLY A 179 17.64 -2.88 8.84
N LYS A 180 18.98 -2.80 8.82
CA LYS A 180 19.78 -3.34 7.74
C LYS A 180 19.46 -4.79 7.41
N SER A 181 19.40 -5.65 8.43
CA SER A 181 19.17 -7.08 8.20
C SER A 181 17.77 -7.37 7.63
N ASP A 182 16.76 -6.59 8.00
CA ASP A 182 15.42 -6.69 7.38
C ASP A 182 15.39 -6.12 5.97
N LEU A 183 15.99 -4.94 5.78
CA LEU A 183 15.96 -4.26 4.50
C LEU A 183 16.68 -5.04 3.43
N GLU A 184 17.75 -5.74 3.81
CA GLU A 184 18.54 -6.53 2.88
C GLU A 184 18.17 -8.02 2.91
N LYS A 185 16.99 -8.35 3.44
CA LYS A 185 16.55 -9.76 3.50
C LYS A 185 16.36 -10.31 2.08
N GLN A 186 16.59 -11.61 1.95
CA GLN A 186 16.39 -12.36 0.71
C GLN A 186 15.43 -13.51 0.98
N GLU A 187 14.27 -13.51 0.29
CA GLU A 187 13.30 -14.59 0.41
C GLU A 187 13.10 -15.18 -0.97
N LYS A 188 13.11 -16.52 -1.03
CA LYS A 188 13.07 -17.25 -2.29
C LYS A 188 11.67 -17.43 -2.86
N PRO A 189 11.48 -17.19 -4.16
CA PRO A 189 10.20 -17.52 -4.80
C PRO A 189 9.93 -19.02 -4.84
N VAL A 190 8.65 -19.36 -4.88
CA VAL A 190 8.19 -20.70 -5.26
C VAL A 190 7.30 -20.45 -6.45
N ALA A 191 7.35 -21.34 -7.45
CA ALA A 191 6.55 -21.14 -8.66
C ALA A 191 5.66 -22.34 -8.92
N TRP A 192 4.58 -22.09 -9.65
CA TRP A 192 3.71 -23.17 -10.13
C TRP A 192 3.01 -22.75 -11.41
N LEU A 193 2.57 -23.75 -12.19
CA LEU A 193 1.93 -23.50 -13.48
C LEU A 193 0.46 -23.86 -13.44
N SER A 194 -0.32 -23.19 -14.26
CA SER A 194 -1.73 -23.54 -14.46
C SER A 194 -2.26 -23.07 -15.81
N SER A 195 -3.46 -23.55 -16.13
CA SER A 195 -4.28 -23.06 -17.26
C SER A 195 -5.73 -23.50 -17.05
N VAL A 196 -6.68 -22.95 -17.82
CA VAL A 196 -8.10 -23.39 -17.71
C VAL A 196 -8.40 -24.63 -18.55
N HIS A 203 -7.25 -23.19 -28.06
CA HIS A 203 -6.31 -22.10 -27.82
C HIS A 203 -6.30 -21.72 -26.33
N ARG A 204 -5.15 -21.92 -25.68
CA ARG A 204 -5.03 -21.86 -24.20
C ARG A 204 -4.24 -20.65 -23.68
N GLN A 205 -4.35 -20.44 -22.38
CA GLN A 205 -3.57 -19.43 -21.65
C GLN A 205 -2.82 -20.14 -20.53
N LEU A 206 -1.49 -20.11 -20.61
CA LEU A 206 -0.62 -20.72 -19.59
C LEU A 206 -0.22 -19.63 -18.59
N VAL A 207 -0.29 -19.96 -17.30
CA VAL A 207 0.02 -18.98 -16.25
C VAL A 207 1.13 -19.52 -15.37
N CYS A 208 2.17 -18.72 -15.20
CA CYS A 208 3.26 -19.05 -14.30
C CYS A 208 3.10 -18.15 -13.08
N HIS A 209 2.85 -18.77 -11.93
CA HIS A 209 2.63 -18.07 -10.65
C HIS A 209 3.93 -18.09 -9.89
N VAL A 210 4.36 -16.94 -9.36
CA VAL A 210 5.60 -16.82 -8.61
C VAL A 210 5.30 -16.10 -7.31
N SER A 211 5.57 -16.75 -6.18
CA SER A 211 5.15 -16.21 -4.90
C SER A 211 6.20 -16.36 -3.82
N GLY A 212 6.31 -15.34 -2.99
CA GLY A 212 7.15 -15.42 -1.81
C GLY A 212 8.53 -14.83 -1.95
N PHE A 213 8.76 -14.08 -3.02
CA PHE A 213 10.07 -13.48 -3.23
C PHE A 213 10.23 -12.12 -2.56
N TYR A 214 11.45 -11.84 -2.12
CA TYR A 214 11.83 -10.54 -1.59
C TYR A 214 13.34 -10.40 -1.79
N PRO A 215 13.85 -9.27 -2.29
CA PRO A 215 13.10 -8.05 -2.62
C PRO A 215 12.37 -8.11 -3.95
N LYS A 216 11.73 -7.00 -4.32
CA LYS A 216 10.81 -6.96 -5.43
C LYS A 216 11.38 -7.28 -6.82
N PRO A 217 12.61 -6.84 -7.13
CA PRO A 217 13.14 -7.09 -8.47
C PRO A 217 13.20 -8.59 -8.82
N VAL A 218 12.62 -8.96 -9.95
CA VAL A 218 12.50 -10.35 -10.34
C VAL A 218 12.37 -10.43 -11.86
N TRP A 219 12.70 -11.58 -12.42
CA TRP A 219 12.56 -11.83 -13.86
C TRP A 219 11.83 -13.14 -14.08
N VAL A 220 10.72 -13.09 -14.82
CA VAL A 220 9.89 -14.27 -15.04
C VAL A 220 9.52 -14.30 -16.51
N MET A 221 9.79 -15.41 -17.17
CA MET A 221 9.64 -15.50 -18.61
C MET A 221 9.25 -16.90 -19.04
N TRP A 222 8.32 -16.98 -19.97
CA TRP A 222 8.06 -18.25 -20.63
C TRP A 222 9.15 -18.46 -21.69
N MET A 223 9.67 -19.69 -21.74
CA MET A 223 10.79 -20.10 -22.58
C MET A 223 10.42 -21.33 -23.41
N ARG A 224 10.97 -21.43 -24.62
CA ARG A 224 11.10 -22.71 -25.33
C ARG A 224 12.59 -22.93 -25.55
N GLY A 225 13.16 -23.84 -24.77
CA GLY A 225 14.62 -23.99 -24.69
C GLY A 225 15.23 -22.70 -24.17
N ASP A 226 16.16 -22.14 -24.95
CA ASP A 226 16.82 -20.87 -24.60
C ASP A 226 16.11 -19.63 -25.17
N GLN A 227 15.03 -19.81 -25.92
CA GLN A 227 14.35 -18.68 -26.57
C GLN A 227 13.24 -18.10 -25.67
N GLU A 228 13.39 -16.82 -25.32
CA GLU A 228 12.34 -16.08 -24.60
C GLU A 228 11.13 -15.93 -25.50
N GLN A 229 9.95 -16.27 -24.97
CA GLN A 229 8.69 -16.10 -25.67
C GLN A 229 8.18 -14.69 -25.44
N GLN A 230 8.11 -13.90 -26.51
CA GLN A 230 7.85 -12.46 -26.41
C GLN A 230 6.39 -12.13 -26.12
N GLY A 231 5.48 -13.07 -26.34
CA GLY A 231 4.09 -12.94 -25.93
C GLY A 231 3.86 -12.97 -24.42
N THR A 232 4.88 -13.30 -23.63
CA THR A 232 4.80 -13.28 -22.17
C THR A 232 4.27 -11.94 -21.65
N HIS A 233 3.12 -11.99 -20.97
CA HIS A 233 2.53 -10.81 -20.33
C HIS A 233 2.68 -10.91 -18.80
N ARG A 234 3.48 -10.02 -18.24
CA ARG A 234 3.72 -9.94 -16.80
C ARG A 234 2.57 -9.19 -16.11
N GLY A 235 2.01 -9.77 -15.03
CA GLY A 235 0.92 -9.13 -14.27
C GLY A 235 1.40 -8.03 -13.33
N ASP A 236 0.51 -7.55 -12.46
CA ASP A 236 0.89 -6.59 -11.43
C ASP A 236 1.60 -7.32 -10.29
N PHE A 237 2.51 -6.64 -9.60
CA PHE A 237 3.11 -7.19 -8.37
C PHE A 237 2.07 -7.07 -7.27
N LEU A 238 1.73 -8.18 -6.65
CA LEU A 238 0.71 -8.23 -5.59
C LEU A 238 1.36 -8.60 -4.27
N PRO A 239 0.94 -7.95 -3.18
CA PRO A 239 1.60 -8.24 -1.91
C PRO A 239 1.07 -9.50 -1.23
N ASN A 240 1.97 -10.24 -0.62
CA ASN A 240 1.59 -11.27 0.33
C ASN A 240 1.56 -10.62 1.68
N ALA A 241 0.93 -11.26 2.64
CA ALA A 241 0.79 -10.67 3.97
C ALA A 241 2.06 -10.78 4.84
N ASP A 242 3.07 -11.51 4.35
CA ASP A 242 4.30 -11.77 5.09
C ASP A 242 5.51 -11.01 4.51
N GLU A 243 5.25 -9.81 3.97
CA GLU A 243 6.29 -8.94 3.41
C GLU A 243 7.10 -9.64 2.33
N THR A 244 6.38 -10.33 1.45
CA THR A 244 6.91 -10.90 0.23
C THR A 244 5.96 -10.57 -0.92
N TRP A 245 6.38 -10.89 -2.15
CA TRP A 245 5.65 -10.49 -3.34
C TRP A 245 5.09 -11.70 -4.09
N TYR A 246 4.05 -11.43 -4.88
CA TYR A 246 3.44 -12.39 -5.80
C TYR A 246 3.37 -11.74 -7.18
N LEU A 247 3.65 -12.53 -8.19
CA LEU A 247 3.55 -12.09 -9.59
C LEU A 247 3.15 -13.27 -10.44
N GLN A 248 2.37 -13.03 -11.48
CA GLN A 248 2.17 -14.05 -12.49
C GLN A 248 2.51 -13.53 -13.87
N ALA A 249 2.99 -14.44 -14.72
CA ALA A 249 3.28 -14.13 -16.10
C ALA A 249 2.51 -15.12 -16.97
N THR A 250 1.80 -14.59 -17.96
CA THR A 250 0.91 -15.41 -18.78
C THR A 250 1.39 -15.42 -20.22
N LEU A 251 1.09 -16.53 -20.90
CA LEU A 251 1.37 -16.69 -22.32
C LEU A 251 0.17 -17.39 -22.97
N ASP A 252 -0.39 -16.76 -24.00
CA ASP A 252 -1.46 -17.34 -24.80
C ASP A 252 -0.82 -18.15 -25.93
N VAL A 253 -1.12 -19.45 -25.98
CA VAL A 253 -0.49 -20.38 -26.92
C VAL A 253 -1.52 -21.10 -27.78
N GLU A 254 -1.08 -21.65 -28.91
CA GLU A 254 -1.91 -22.51 -29.75
C GLU A 254 -2.08 -23.87 -29.08
N ALA A 255 -3.30 -24.42 -29.15
CA ALA A 255 -3.59 -25.75 -28.58
C ALA A 255 -2.78 -26.82 -29.29
N GLY A 256 -2.27 -27.79 -28.52
CA GLY A 256 -1.35 -28.81 -29.02
C GLY A 256 0.12 -28.44 -28.87
N GLU A 257 0.45 -27.16 -29.01
CA GLU A 257 1.84 -26.68 -29.00
C GLU A 257 2.31 -26.21 -27.60
N GLU A 258 1.74 -26.77 -26.54
CA GLU A 258 2.12 -26.42 -25.18
C GLU A 258 3.39 -27.15 -24.74
N ALA A 259 3.63 -28.35 -25.30
CA ALA A 259 4.81 -29.14 -24.94
C ALA A 259 6.10 -28.45 -25.40
N GLY A 260 7.14 -28.58 -24.60
CA GLY A 260 8.39 -27.85 -24.83
C GLY A 260 8.51 -26.49 -24.15
N LEU A 261 7.42 -25.97 -23.60
CA LEU A 261 7.45 -24.67 -22.92
C LEU A 261 7.85 -24.83 -21.47
N ALA A 262 8.44 -23.77 -20.94
CA ALA A 262 8.84 -23.75 -19.54
C ALA A 262 8.80 -22.33 -19.01
N CYS A 263 8.51 -22.21 -17.72
CA CYS A 263 8.60 -20.92 -17.05
C CYS A 263 9.93 -20.84 -16.33
N ARG A 264 10.67 -19.76 -16.57
CA ARG A 264 11.95 -19.53 -15.95
C ARG A 264 11.87 -18.32 -15.01
N VAL A 265 12.39 -18.48 -13.80
CA VAL A 265 12.40 -17.41 -12.79
C VAL A 265 13.82 -17.15 -12.35
N LYS A 266 14.26 -15.90 -12.47
CA LYS A 266 15.51 -15.43 -11.91
C LYS A 266 15.23 -14.50 -10.75
N HIS A 267 15.94 -14.71 -9.64
CA HIS A 267 15.81 -13.84 -8.49
C HIS A 267 17.09 -13.83 -7.67
N SER A 268 17.41 -12.67 -7.08
CA SER A 268 18.62 -12.46 -6.25
C SER A 268 18.84 -13.50 -5.14
N SER A 269 17.75 -13.98 -4.56
CA SER A 269 17.78 -14.96 -3.48
C SER A 269 18.19 -16.37 -3.90
N LEU A 270 18.16 -16.67 -5.20
CA LEU A 270 18.39 -18.03 -5.70
C LEU A 270 19.87 -18.39 -5.91
N GLY A 271 20.76 -17.42 -5.75
CA GLY A 271 22.21 -17.68 -5.84
C GLY A 271 22.67 -18.17 -7.20
N GLY A 272 22.03 -17.68 -8.26
CA GLY A 272 22.33 -18.10 -9.64
C GLY A 272 21.69 -19.38 -10.13
N GLN A 273 20.88 -20.02 -9.28
CA GLN A 273 20.19 -21.26 -9.63
C GLN A 273 18.70 -20.96 -9.92
N ASP A 274 18.40 -20.69 -11.19
CA ASP A 274 17.05 -20.27 -11.59
C ASP A 274 16.04 -21.38 -11.36
N ILE A 275 14.80 -20.98 -11.17
CA ILE A 275 13.71 -21.95 -11.18
C ILE A 275 13.35 -22.16 -12.62
N ILE A 276 13.25 -23.42 -13.04
CA ILE A 276 12.72 -23.72 -14.36
C ILE A 276 11.64 -24.76 -14.18
N LEU A 277 10.43 -24.43 -14.61
CA LEU A 277 9.28 -25.33 -14.51
C LEU A 277 8.82 -25.66 -15.91
N TYR A 278 8.92 -26.93 -16.28
CA TYR A 278 8.53 -27.39 -17.61
C TYR A 278 7.06 -27.77 -17.62
N TRP A 279 6.32 -27.33 -18.64
CA TRP A 279 4.92 -27.74 -18.82
C TRP A 279 4.85 -29.20 -19.30
N GLN B 2 -15.25 9.62 -7.02
CA GLN B 2 -15.51 8.26 -6.45
C GLN B 2 -14.95 7.18 -7.38
N LYS B 3 -14.16 6.24 -6.83
CA LYS B 3 -13.48 5.20 -7.62
C LYS B 3 -13.83 3.80 -7.12
N THR B 4 -14.11 2.89 -8.07
CA THR B 4 -14.59 1.55 -7.80
C THR B 4 -13.45 0.60 -7.44
N PRO B 5 -13.64 -0.23 -6.39
CA PRO B 5 -12.55 -1.17 -6.04
C PRO B 5 -12.33 -2.30 -7.03
N GLN B 6 -11.05 -2.57 -7.29
CA GLN B 6 -10.60 -3.75 -8.02
C GLN B 6 -10.23 -4.80 -6.99
N ILE B 7 -10.57 -6.06 -7.29
CA ILE B 7 -10.38 -7.16 -6.36
C ILE B 7 -9.57 -8.25 -7.03
N GLN B 8 -8.49 -8.68 -6.39
CA GLN B 8 -7.70 -9.81 -6.84
C GLN B 8 -7.56 -10.82 -5.73
N VAL B 9 -7.76 -12.10 -6.08
CA VAL B 9 -7.75 -13.18 -5.12
C VAL B 9 -6.74 -14.23 -5.54
N TYR B 10 -5.82 -14.58 -4.63
CA TYR B 10 -4.65 -15.41 -4.94
C TYR B 10 -4.11 -16.07 -3.68
N SER B 11 -3.44 -17.20 -3.85
CA SER B 11 -2.91 -17.98 -2.74
C SER B 11 -1.43 -17.69 -2.49
N ARG B 12 -1.01 -17.80 -1.24
CA ARG B 12 0.40 -17.58 -0.87
C ARG B 12 1.35 -18.65 -1.40
N HIS B 13 0.90 -19.90 -1.31
CA HIS B 13 1.66 -21.10 -1.69
C HIS B 13 0.93 -21.81 -2.83
N PRO B 14 1.64 -22.69 -3.56
CA PRO B 14 0.94 -23.40 -4.64
C PRO B 14 -0.29 -24.13 -4.07
N PRO B 15 -1.48 -23.96 -4.68
CA PRO B 15 -2.66 -24.61 -4.11
C PRO B 15 -2.59 -26.11 -4.34
N GLU B 16 -2.60 -26.86 -3.25
CA GLU B 16 -2.61 -28.31 -3.31
C GLU B 16 -3.74 -28.77 -2.42
N ASN B 17 -4.61 -29.62 -2.96
CA ASN B 17 -5.81 -30.02 -2.21
C ASN B 17 -5.41 -30.72 -0.92
N GLY B 18 -6.07 -30.34 0.17
CA GLY B 18 -5.77 -30.89 1.48
C GLY B 18 -4.58 -30.33 2.24
N LYS B 19 -3.84 -29.38 1.68
CA LYS B 19 -2.68 -28.76 2.37
C LYS B 19 -3.03 -27.34 2.83
N PRO B 20 -2.88 -27.01 4.14
CA PRO B 20 -3.15 -25.63 4.58
C PRO B 20 -2.31 -24.60 3.83
N ASN B 21 -2.91 -23.44 3.61
CA ASN B 21 -2.38 -22.41 2.73
C ASN B 21 -2.95 -21.08 3.26
N ILE B 22 -2.65 -19.98 2.60
CA ILE B 22 -3.22 -18.68 2.92
C ILE B 22 -3.81 -18.12 1.66
N LEU B 23 -5.05 -17.62 1.74
CA LEU B 23 -5.71 -16.96 0.63
C LEU B 23 -5.73 -15.45 0.86
N ASN B 24 -5.31 -14.72 -0.16
CA ASN B 24 -5.24 -13.26 -0.13
C ASN B 24 -6.33 -12.64 -0.96
N CYS B 25 -6.90 -11.54 -0.45
CA CYS B 25 -7.79 -10.71 -1.22
C CYS B 25 -7.23 -9.29 -1.18
N TYR B 26 -6.75 -8.83 -2.33
CA TYR B 26 -6.14 -7.51 -2.46
C TYR B 26 -7.12 -6.60 -3.16
N VAL B 27 -7.53 -5.54 -2.45
CA VAL B 27 -8.54 -4.62 -2.93
C VAL B 27 -7.88 -3.26 -3.14
N THR B 28 -8.01 -2.73 -4.35
CA THR B 28 -7.27 -1.54 -4.77
C THR B 28 -8.11 -0.53 -5.56
N GLN B 29 -7.50 0.64 -5.77
CA GLN B 29 -8.03 1.66 -6.67
C GLN B 29 -9.38 2.25 -6.27
N PHE B 30 -9.68 2.28 -4.97
CA PHE B 30 -10.97 2.80 -4.49
C PHE B 30 -10.85 4.15 -3.75
N HIS B 31 -11.91 4.93 -3.80
CA HIS B 31 -12.09 6.17 -3.03
C HIS B 31 -13.60 6.40 -2.94
N PRO B 32 -14.18 6.76 -1.79
CA PRO B 32 -13.50 7.04 -0.52
C PRO B 32 -13.03 5.77 0.22
N PRO B 33 -12.22 5.96 1.28
CA PRO B 33 -11.62 4.79 1.96
C PRO B 33 -12.58 3.87 2.73
N HIS B 34 -13.77 4.33 3.12
CA HIS B 34 -14.72 3.47 3.83
C HIS B 34 -15.09 2.28 2.97
N ILE B 35 -14.85 1.08 3.48
CA ILE B 35 -15.09 -0.14 2.71
C ILE B 35 -15.35 -1.31 3.64
N GLU B 36 -16.10 -2.29 3.15
CA GLU B 36 -16.39 -3.50 3.89
C GLU B 36 -15.93 -4.68 3.04
N ILE B 37 -15.07 -5.54 3.61
CA ILE B 37 -14.47 -6.67 2.90
C ILE B 37 -14.68 -7.94 3.72
N GLN B 38 -15.26 -8.95 3.08
CA GLN B 38 -15.44 -10.26 3.67
C GLN B 38 -14.83 -11.30 2.74
N MET B 39 -14.32 -12.37 3.33
CA MET B 39 -13.92 -13.57 2.57
C MET B 39 -14.91 -14.69 2.89
N LEU B 40 -15.30 -15.42 1.85
CA LEU B 40 -16.37 -16.42 1.93
C LEU B 40 -15.85 -17.80 1.60
N LYS B 41 -16.33 -18.79 2.36
CA LYS B 41 -16.12 -20.19 2.06
C LYS B 41 -17.50 -20.80 1.79
N ASN B 42 -17.69 -21.32 0.58
CA ASN B 42 -19.00 -21.81 0.13
C ASN B 42 -20.13 -20.81 0.37
N GLY B 43 -19.84 -19.53 0.12
CA GLY B 43 -20.81 -18.46 0.24
C GLY B 43 -21.06 -17.90 1.64
N LYS B 44 -20.43 -18.49 2.64
CA LYS B 44 -20.58 -18.10 4.04
C LYS B 44 -19.34 -17.33 4.51
N LYS B 45 -19.57 -16.27 5.28
CA LYS B 45 -18.50 -15.45 5.83
C LYS B 45 -17.54 -16.24 6.71
N ILE B 46 -16.24 -16.07 6.45
CA ILE B 46 -15.15 -16.69 7.20
C ILE B 46 -14.82 -15.79 8.39
N PRO B 47 -14.75 -16.35 9.60
CA PRO B 47 -14.67 -15.51 10.81
C PRO B 47 -13.36 -14.75 11.05
N LYS B 48 -12.21 -15.41 10.90
CA LYS B 48 -10.94 -14.87 11.46
C LYS B 48 -10.10 -13.95 10.55
N VAL B 49 -10.73 -13.29 9.57
CA VAL B 49 -10.00 -12.65 8.46
C VAL B 49 -9.16 -11.46 8.94
N GLU B 50 -7.86 -11.49 8.65
CA GLU B 50 -6.93 -10.43 9.07
C GLU B 50 -6.80 -9.40 7.94
N MET B 51 -6.67 -8.13 8.34
CA MET B 51 -6.65 -6.99 7.42
C MET B 51 -5.37 -6.21 7.65
N SER B 52 -4.71 -5.81 6.56
CA SER B 52 -3.58 -4.89 6.66
C SER B 52 -4.10 -3.51 7.04
N ASP B 53 -3.19 -2.62 7.43
CA ASP B 53 -3.56 -1.23 7.61
C ASP B 53 -3.91 -0.68 6.25
N MET B 54 -4.95 0.14 6.16
CA MET B 54 -5.21 0.78 4.88
C MET B 54 -4.12 1.79 4.57
N SER B 55 -3.79 1.88 3.29
CA SER B 55 -2.75 2.79 2.82
C SER B 55 -3.21 3.30 1.47
N PHE B 56 -2.40 4.11 0.82
CA PHE B 56 -2.75 4.59 -0.50
C PHE B 56 -1.53 4.71 -1.40
N SER B 57 -1.80 4.71 -2.71
CA SER B 57 -0.77 4.73 -3.73
C SER B 57 -0.39 6.14 -4.13
N LYS B 58 0.62 6.23 -4.99
CA LYS B 58 1.03 7.50 -5.61
C LYS B 58 -0.14 8.29 -6.21
N ASP B 59 -1.09 7.60 -6.83
CA ASP B 59 -2.28 8.26 -7.43
C ASP B 59 -3.39 8.62 -6.42
N TRP B 60 -3.10 8.45 -5.13
CA TRP B 60 -4.01 8.74 -4.02
C TRP B 60 -5.14 7.72 -3.78
N SER B 61 -5.28 6.71 -4.64
CA SER B 61 -6.30 5.69 -4.45
C SER B 61 -5.88 4.75 -3.31
N PHE B 62 -6.87 4.23 -2.60
CA PHE B 62 -6.63 3.40 -1.45
C PHE B 62 -6.45 1.94 -1.81
N TYR B 63 -5.74 1.24 -0.94
CA TYR B 63 -5.62 -0.22 -1.05
C TYR B 63 -5.54 -0.89 0.29
N ILE B 64 -5.89 -2.17 0.30
CA ILE B 64 -5.86 -2.93 1.53
C ILE B 64 -5.78 -4.40 1.18
N LEU B 65 -5.07 -5.16 2.00
CA LEU B 65 -4.91 -6.61 1.84
C LEU B 65 -5.63 -7.35 2.97
N ALA B 66 -6.52 -8.26 2.59
CA ALA B 66 -7.15 -9.18 3.53
C ALA B 66 -6.57 -10.57 3.28
N HIS B 67 -6.40 -11.35 4.32
CA HIS B 67 -5.98 -12.73 4.14
C HIS B 67 -6.55 -13.63 5.20
N THR B 68 -6.59 -14.91 4.87
CA THR B 68 -7.14 -15.92 5.76
C THR B 68 -6.48 -17.26 5.47
N GLU B 69 -6.37 -18.06 6.52
CA GLU B 69 -5.94 -19.45 6.37
C GLU B 69 -7.02 -20.19 5.60
N PHE B 70 -6.61 -21.07 4.70
CA PHE B 70 -7.56 -21.94 4.00
C PHE B 70 -6.89 -23.24 3.58
N THR B 71 -7.71 -24.27 3.36
CA THR B 71 -7.23 -25.54 2.84
C THR B 71 -8.04 -25.80 1.59
N PRO B 72 -7.41 -25.66 0.41
CA PRO B 72 -8.18 -25.93 -0.80
C PRO B 72 -8.55 -27.41 -0.88
N THR B 73 -9.76 -27.68 -1.38
CA THR B 73 -10.20 -29.04 -1.74
C THR B 73 -11.07 -28.89 -2.98
N GLU B 74 -11.40 -29.99 -3.63
CA GLU B 74 -12.28 -29.90 -4.80
C GLU B 74 -13.77 -29.97 -4.43
N THR B 75 -14.11 -29.67 -3.18
CA THR B 75 -15.50 -29.54 -2.74
C THR B 75 -15.82 -28.16 -2.12
N ASP B 76 -14.87 -27.21 -2.15
CA ASP B 76 -15.04 -25.91 -1.47
C ASP B 76 -14.75 -24.76 -2.42
N THR B 77 -15.61 -23.75 -2.42
CA THR B 77 -15.36 -22.51 -3.15
C THR B 77 -14.93 -21.44 -2.16
N TYR B 78 -14.15 -20.49 -2.67
CA TYR B 78 -13.70 -19.34 -1.88
C TYR B 78 -13.88 -18.07 -2.67
N ALA B 79 -14.21 -16.99 -1.98
CA ALA B 79 -14.46 -15.74 -2.63
C ALA B 79 -14.12 -14.58 -1.71
N CYS B 80 -14.08 -13.41 -2.33
CA CYS B 80 -13.90 -12.13 -1.62
C CYS B 80 -15.03 -11.21 -2.03
N ARG B 81 -15.77 -10.70 -1.05
CA ARG B 81 -16.92 -9.84 -1.29
C ARG B 81 -16.67 -8.47 -0.68
N VAL B 82 -16.96 -7.43 -1.47
CA VAL B 82 -16.64 -6.05 -1.14
C VAL B 82 -17.87 -5.17 -1.29
N LYS B 83 -18.17 -4.42 -0.24
CA LYS B 83 -19.21 -3.41 -0.28
C LYS B 83 -18.55 -2.03 -0.22
N HIS B 84 -18.94 -1.17 -1.15
CA HIS B 84 -18.37 0.17 -1.26
C HIS B 84 -19.43 1.11 -1.88
N ALA B 85 -19.38 2.38 -1.46
CA ALA B 85 -20.38 3.37 -1.90
C ALA B 85 -20.43 3.59 -3.43
N SER B 86 -19.31 3.33 -4.11
CA SER B 86 -19.22 3.40 -5.57
C SER B 86 -20.05 2.36 -6.33
N MET B 87 -20.55 1.33 -5.64
CA MET B 87 -21.28 0.24 -6.28
C MET B 87 -22.66 0.06 -5.64
N ALA B 88 -23.68 -0.15 -6.47
CA ALA B 88 -25.05 -0.32 -5.96
C ALA B 88 -25.18 -1.56 -5.09
N GLU B 89 -24.53 -2.65 -5.47
CA GLU B 89 -24.57 -3.93 -4.75
C GLU B 89 -23.15 -4.43 -4.44
N PRO B 90 -23.01 -5.33 -3.44
CA PRO B 90 -21.69 -5.89 -3.15
C PRO B 90 -21.09 -6.62 -4.35
N LYS B 91 -19.78 -6.48 -4.53
CA LYS B 91 -19.08 -7.11 -5.64
C LYS B 91 -18.36 -8.32 -5.08
N THR B 92 -18.51 -9.45 -5.74
CA THR B 92 -17.89 -10.70 -5.30
C THR B 92 -16.99 -11.26 -6.40
N VAL B 93 -15.77 -11.62 -6.02
CA VAL B 93 -14.82 -12.23 -6.91
C VAL B 93 -14.46 -13.59 -6.36
N TYR B 94 -14.65 -14.62 -7.18
CA TYR B 94 -14.35 -15.99 -6.80
C TYR B 94 -12.89 -16.31 -7.11
N TRP B 95 -12.25 -16.99 -6.18
CA TRP B 95 -10.93 -17.57 -6.40
C TRP B 95 -11.06 -18.53 -7.57
N ASP B 96 -10.20 -18.35 -8.58
CA ASP B 96 -10.27 -19.08 -9.86
C ASP B 96 -9.64 -20.48 -9.79
N ARG B 97 -9.14 -20.82 -8.59
CA ARG B 97 -8.66 -22.14 -8.17
C ARG B 97 -7.20 -22.39 -8.56
N ASP B 98 -6.61 -21.44 -9.28
CA ASP B 98 -5.25 -21.53 -9.81
C ASP B 98 -4.32 -20.49 -9.17
N MET B 99 -4.81 -19.25 -9.04
CA MET B 99 -4.09 -18.11 -8.46
C MET B 99 -3.63 -18.37 -7.03
#